data_6KM8
#
_entry.id   6KM8
#
_cell.length_a   90.765
_cell.length_b   90.765
_cell.length_c   68.476
_cell.angle_alpha   90.000
_cell.angle_beta   90.000
_cell.angle_gamma   120.000
#
_symmetry.space_group_name_H-M   'P 63'
#
loop_
_entity.id
_entity.type
_entity.pdbx_description
1 polymer '7S globulin'
2 non-polymer 'COPPER (II) ION'
3 non-polymer 'ACETATE ION'
4 water water
#
_entity_poly.entity_id   1
_entity_poly.type   'polypeptide(L)'
_entity_poly.pdbx_seq_one_letter_code
;HNPYYFHEHSFQSRFRSEDGHWRVLERFSQRSDVLRGIENNRFAILEARPQTFIIPHHLDAETVLLVVRGRAAITTVVQE
RKETKRESYNAERGDVMVIPAGATIYLVNHENEDLQIVKLIQPINNPGEFKDYLSAGGEDQSYYTVFSNDVLEAALDIPR
DRLERVFKQHSERRGKIIKGSQEQLKALSQRATSVRKGGRGTRALIKLENQTPVYSNQYGQMFEACPDEFPQLQRTNVAA
AIVDIKQGGMMVPHFNSRATWAVFVAEGAGSFEMACPHLEESEGRSSRFERVAGHLSPGGLLVVPAGHPIAVMASPKENL
RLVGFGINAQNNLRNFLAGKENIMNEVDQEAKELTFNIKGKEADEIFKSQRESFFTKGPVG
;
_entity_poly.pdbx_strand_id   A
#
loop_
_chem_comp.id
_chem_comp.type
_chem_comp.name
_chem_comp.formula
ACT non-polymer 'ACETATE ION' 'C2 H3 O2 -1'
CU non-polymer 'COPPER (II) ION' 'Cu 2'
#
# COMPACT_ATOMS: atom_id res chain seq x y z
N HIS A 1 -8.04 -7.29 21.13
CA HIS A 1 -9.31 -6.60 20.94
C HIS A 1 -9.28 -5.70 19.73
N ASN A 2 -8.11 -5.61 19.09
CA ASN A 2 -7.99 -4.88 17.82
C ASN A 2 -7.15 -5.62 16.75
N PRO A 3 -7.81 -6.48 15.97
CA PRO A 3 -7.22 -7.17 14.82
C PRO A 3 -6.64 -6.27 13.71
N TYR A 4 -7.35 -5.23 13.30
CA TYR A 4 -7.02 -4.49 12.08
C TYR A 4 -5.67 -3.74 12.03
N TYR A 5 -4.95 -3.68 13.14
CA TYR A 5 -3.72 -2.89 13.16
C TYR A 5 -2.51 -3.75 13.47
N PHE A 6 -1.51 -3.66 12.60
CA PHE A 6 -0.26 -4.39 12.74
C PHE A 6 0.88 -3.42 13.05
N HIS A 7 1.81 -3.83 13.91
CA HIS A 7 2.91 -2.97 14.33
C HIS A 7 4.09 -3.02 13.39
N GLU A 8 5.11 -2.21 13.67
CA GLU A 8 6.33 -2.31 12.88
C GLU A 8 6.81 -3.76 12.96
N HIS A 9 6.95 -4.24 14.19
CA HIS A 9 7.57 -5.53 14.47
C HIS A 9 6.87 -6.76 13.88
N SER A 10 5.58 -6.63 13.59
CA SER A 10 4.79 -7.79 13.15
C SER A 10 5.13 -8.20 11.73
N PHE A 11 6.01 -7.42 11.11
CA PHE A 11 6.56 -7.74 9.80
C PHE A 11 7.48 -8.96 9.84
N GLN A 12 7.15 -9.95 9.02
CA GLN A 12 8.02 -11.07 8.83
C GLN A 12 9.25 -10.53 8.08
N SER A 13 10.42 -10.65 8.68
CA SER A 13 11.62 -10.07 8.09
C SER A 13 12.10 -10.99 6.99
N ARG A 14 12.66 -10.40 5.94
CA ARG A 14 13.29 -11.18 4.89
C ARG A 14 14.82 -11.11 4.95
N PHE A 15 15.40 -9.91 4.87
CA PHE A 15 16.85 -9.79 4.75
C PHE A 15 17.67 -9.27 5.94
N ARG A 16 17.45 -8.01 6.32
CA ARG A 16 18.24 -7.34 7.37
C ARG A 16 19.74 -7.32 7.10
N SER A 17 20.15 -6.57 6.09
CA SER A 17 21.55 -6.37 5.77
C SER A 17 21.89 -4.87 5.82
N GLU A 18 23.17 -4.54 5.98
CA GLU A 18 23.59 -3.15 6.15
C GLU A 18 23.04 -2.24 5.08
N ASP A 19 23.06 -2.72 3.85
CA ASP A 19 22.68 -1.93 2.69
C ASP A 19 21.16 -1.80 2.55
N GLY A 20 20.42 -2.69 3.19
CA GLY A 20 18.98 -2.68 3.03
C GLY A 20 18.20 -3.65 3.88
N HIS A 21 16.91 -3.39 4.02
CA HIS A 21 15.99 -4.28 4.69
C HIS A 21 14.78 -4.51 3.78
N TRP A 22 14.53 -5.76 3.41
CA TRP A 22 13.32 -6.11 2.61
C TRP A 22 12.44 -7.05 3.46
N ARG A 23 11.26 -6.60 3.90
CA ARG A 23 10.42 -7.45 4.74
C ARG A 23 8.94 -7.49 4.36
N VAL A 24 8.31 -8.63 4.53
CA VAL A 24 6.91 -8.79 4.16
C VAL A 24 6.05 -9.03 5.38
N LEU A 25 4.93 -8.31 5.48
CA LEU A 25 3.96 -8.54 6.54
C LEU A 25 3.28 -9.86 6.30
N GLU A 26 3.05 -10.58 7.39
CA GLU A 26 2.47 -11.91 7.31
C GLU A 26 1.10 -11.75 6.68
N ARG A 27 0.53 -12.87 6.25
CA ARG A 27 -0.74 -12.80 5.54
C ARG A 27 -1.82 -12.35 6.51
N PHE A 28 -3.07 -12.34 6.07
CA PHE A 28 -4.07 -11.85 6.99
C PHE A 28 -4.81 -12.96 7.74
N SER A 29 -4.50 -14.20 7.41
CA SER A 29 -5.16 -15.35 8.02
C SER A 29 -4.45 -16.06 9.17
N GLN A 30 -3.17 -15.77 9.40
CA GLN A 30 -2.59 -16.01 10.72
C GLN A 30 -3.16 -14.82 11.49
N ARG A 31 -3.16 -14.86 12.81
CA ARG A 31 -4.04 -13.97 13.58
C ARG A 31 -5.50 -14.25 13.21
N SER A 32 -6.13 -13.26 12.56
CA SER A 32 -7.58 -13.26 12.39
C SER A 32 -8.20 -14.23 11.38
N ASP A 33 -9.52 -14.12 11.33
CA ASP A 33 -10.43 -14.80 10.41
C ASP A 33 -11.12 -13.71 9.60
N VAL A 34 -11.65 -12.71 10.31
CA VAL A 34 -12.38 -11.61 9.71
C VAL A 34 -11.69 -10.96 8.49
N LEU A 35 -10.37 -11.15 8.36
CA LEU A 35 -9.76 -10.83 7.08
C LEU A 35 -9.46 -12.08 6.27
N ARG A 36 -10.25 -12.30 5.23
CA ARG A 36 -10.16 -13.46 4.33
C ARG A 36 -10.11 -13.00 2.88
N GLY A 37 -11.12 -12.26 2.45
CA GLY A 37 -11.21 -11.81 1.08
C GLY A 37 -10.01 -11.07 0.53
N ILE A 38 -9.14 -10.62 1.43
CA ILE A 38 -7.84 -10.06 1.03
C ILE A 38 -6.59 -10.97 1.17
N GLU A 39 -6.77 -12.17 1.70
CA GLU A 39 -5.66 -13.08 2.01
C GLU A 39 -4.67 -13.33 0.87
N ASN A 40 -5.12 -13.22 -0.37
CA ASN A 40 -4.19 -13.42 -1.46
C ASN A 40 -3.40 -12.14 -1.64
N ASN A 41 -3.59 -11.21 -0.73
CA ASN A 41 -2.71 -10.06 -0.77
C ASN A 41 -1.72 -10.05 0.40
N ARG A 42 -0.54 -9.51 0.11
CA ARG A 42 0.54 -9.43 1.07
C ARG A 42 1.08 -8.04 0.94
N PHE A 43 1.25 -7.35 2.06
CA PHE A 43 1.83 -6.02 2.05
C PHE A 43 3.30 -6.20 2.38
N ALA A 44 4.18 -5.56 1.63
CA ALA A 44 5.59 -5.65 1.96
C ALA A 44 6.27 -4.29 1.87
N ILE A 45 7.43 -4.18 2.48
CA ILE A 45 8.24 -2.95 2.40
C ILE A 45 9.71 -3.20 2.07
N LEU A 46 10.36 -2.12 1.63
CA LEU A 46 11.74 -2.14 1.21
C LEU A 46 12.46 -0.88 1.68
N GLU A 47 13.67 -1.07 2.20
CA GLU A 47 14.55 0.00 2.61
C GLU A 47 15.94 -0.23 2.01
N ALA A 48 16.52 0.76 1.35
CA ALA A 48 17.88 0.58 0.85
C ALA A 48 18.78 1.78 1.08
N ARG A 49 19.83 1.58 1.87
CA ARG A 49 20.69 2.67 2.32
C ARG A 49 21.32 3.36 1.12
N PRO A 50 21.87 4.56 1.32
CA PRO A 50 22.43 5.24 0.15
C PRO A 50 23.50 4.42 -0.56
N GLN A 51 23.74 4.73 -1.83
CA GLN A 51 24.57 3.91 -2.72
C GLN A 51 24.28 2.42 -2.60
N THR A 52 23.08 2.01 -3.02
CA THR A 52 22.70 0.60 -2.99
C THR A 52 22.10 0.07 -4.31
N PHE A 53 22.14 -1.25 -4.47
CA PHE A 53 21.70 -1.91 -5.70
C PHE A 53 20.84 -3.11 -5.34
N ILE A 54 19.84 -3.38 -6.16
CA ILE A 54 19.08 -4.59 -5.93
C ILE A 54 19.11 -5.46 -7.16
N ILE A 55 19.38 -6.74 -6.92
CA ILE A 55 19.57 -7.74 -7.97
C ILE A 55 18.37 -7.81 -8.90
N PRO A 56 18.63 -8.10 -10.17
CA PRO A 56 17.56 -8.56 -11.06
C PRO A 56 16.80 -9.76 -10.48
N HIS A 57 15.48 -9.67 -10.43
CA HIS A 57 14.67 -10.77 -9.91
C HIS A 57 13.27 -10.73 -10.42
N HIS A 58 12.47 -11.69 -9.99
CA HIS A 58 11.03 -11.59 -10.20
C HIS A 58 10.29 -12.32 -9.11
N LEU A 59 8.97 -12.25 -9.14
CA LEU A 59 8.15 -12.93 -8.16
C LEU A 59 7.11 -13.73 -8.89
N ASP A 60 6.65 -14.84 -8.32
CA ASP A 60 5.44 -15.37 -8.88
C ASP A 60 4.37 -14.70 -8.05
N ALA A 61 3.98 -13.52 -8.56
CA ALA A 61 3.12 -12.58 -7.84
C ALA A 61 3.06 -11.24 -8.58
N GLU A 62 2.00 -10.49 -8.35
CA GLU A 62 1.82 -9.20 -8.99
C GLU A 62 2.21 -8.11 -8.00
N THR A 63 2.98 -7.10 -8.42
CA THR A 63 3.36 -6.09 -7.45
C THR A 63 2.83 -4.69 -7.75
N VAL A 64 2.38 -3.97 -6.73
CA VAL A 64 2.05 -2.57 -6.88
C VAL A 64 2.91 -1.73 -5.98
N LEU A 65 3.76 -0.97 -6.64
CA LEU A 65 4.84 -0.24 -6.03
C LEU A 65 4.40 1.16 -5.72
N LEU A 66 4.71 1.59 -4.52
CA LEU A 66 4.53 2.97 -4.16
C LEU A 66 5.74 3.43 -3.37
N VAL A 67 6.48 4.41 -3.86
CA VAL A 67 7.63 4.86 -3.08
C VAL A 67 7.28 5.90 -2.02
N VAL A 68 7.73 5.62 -0.80
CA VAL A 68 7.54 6.51 0.32
C VAL A 68 8.63 7.60 0.40
N ARG A 69 9.85 7.22 0.79
CA ARG A 69 10.92 8.19 1.05
C ARG A 69 12.03 8.11 0.02
N GLY A 70 12.67 9.24 -0.22
CA GLY A 70 13.91 9.24 -0.95
C GLY A 70 13.75 9.09 -2.43
N ARG A 71 14.72 8.43 -3.04
CA ARG A 71 14.80 8.34 -4.49
C ARG A 71 15.49 7.07 -4.92
N ALA A 72 15.06 6.54 -6.06
CA ALA A 72 15.69 5.39 -6.71
C ALA A 72 15.38 5.31 -8.21
N ALA A 73 16.25 4.64 -8.96
CA ALA A 73 16.04 4.44 -10.40
C ALA A 73 15.67 2.99 -10.74
N ILE A 74 14.51 2.82 -11.38
CA ILE A 74 13.87 1.52 -11.48
C ILE A 74 14.05 0.93 -12.87
N THR A 75 14.12 -0.39 -12.95
CA THR A 75 14.23 -1.03 -14.24
C THR A 75 13.51 -2.36 -14.28
N THR A 76 12.77 -2.53 -15.36
CA THR A 76 11.98 -3.72 -15.61
C THR A 76 12.31 -4.23 -16.99
N VAL A 77 12.45 -5.54 -17.08
CA VAL A 77 12.65 -6.21 -18.37
C VAL A 77 11.90 -7.56 -18.46
N VAL A 78 11.47 -7.88 -19.68
CA VAL A 78 10.72 -9.08 -20.02
C VAL A 78 11.12 -9.61 -21.41
N GLN A 79 10.40 -10.62 -21.90
CA GLN A 79 10.64 -11.12 -23.25
C GLN A 79 9.36 -11.76 -23.78
N GLU A 83 12.22 -11.70 -28.88
CA GLU A 83 12.00 -10.26 -28.78
C GLU A 83 11.91 -9.81 -27.33
N THR A 84 12.69 -8.81 -26.97
CA THR A 84 12.73 -8.41 -25.57
C THR A 84 12.92 -6.92 -25.35
N LYS A 85 12.22 -6.39 -24.35
CA LYS A 85 12.15 -4.95 -24.12
C LYS A 85 12.53 -4.45 -22.72
N ARG A 86 13.12 -3.25 -22.69
CA ARG A 86 13.66 -2.63 -21.49
C ARG A 86 12.82 -1.39 -21.18
N GLU A 87 12.46 -1.22 -19.91
CA GLU A 87 11.85 0.02 -19.42
C GLU A 87 12.50 0.46 -18.09
N SER A 88 13.02 1.69 -18.04
CA SER A 88 13.65 2.25 -16.82
C SER A 88 13.08 3.61 -16.47
N TYR A 89 12.91 3.88 -15.17
CA TYR A 89 12.17 5.06 -14.74
C TYR A 89 12.82 5.81 -13.56
N ASN A 90 12.40 7.07 -13.35
CA ASN A 90 12.83 7.88 -12.19
C ASN A 90 11.80 7.88 -11.05
N ALA A 91 12.21 7.44 -9.88
CA ALA A 91 11.28 7.36 -8.74
C ALA A 91 11.66 8.25 -7.57
N GLU A 92 10.84 9.28 -7.33
CA GLU A 92 10.96 10.13 -6.15
C GLU A 92 9.85 9.73 -5.20
N ARG A 93 9.70 10.48 -4.11
CA ARG A 93 8.60 10.24 -3.19
C ARG A 93 7.27 10.28 -3.93
N GLY A 94 6.37 9.40 -3.54
CA GLY A 94 5.06 9.37 -4.16
C GLY A 94 5.10 8.99 -5.63
N ASP A 95 5.66 7.82 -5.93
CA ASP A 95 5.54 7.26 -7.26
C ASP A 95 4.89 5.88 -7.22
N VAL A 96 4.09 5.58 -8.24
CA VAL A 96 3.35 4.33 -8.31
C VAL A 96 3.79 3.55 -9.54
N MET A 97 4.07 2.26 -9.37
CA MET A 97 4.42 1.37 -10.50
C MET A 97 3.67 0.05 -10.46
N VAL A 98 3.32 -0.49 -11.62
CA VAL A 98 2.62 -1.77 -11.60
C VAL A 98 3.44 -2.88 -12.27
N ILE A 99 4.00 -3.78 -11.46
CA ILE A 99 5.02 -4.72 -11.92
C ILE A 99 4.51 -6.14 -12.08
N PRO A 100 4.35 -6.57 -13.33
CA PRO A 100 3.81 -7.89 -13.67
C PRO A 100 4.57 -8.99 -12.97
N ALA A 101 3.93 -10.13 -12.76
CA ALA A 101 4.58 -11.30 -12.23
C ALA A 101 5.51 -11.76 -13.31
N GLY A 102 6.61 -12.38 -12.92
CA GLY A 102 7.51 -12.98 -13.89
C GLY A 102 8.35 -11.91 -14.57
N ALA A 103 7.85 -10.67 -14.56
CA ALA A 103 8.62 -9.54 -15.07
C ALA A 103 9.82 -9.35 -14.16
N THR A 104 11.00 -9.28 -14.75
CA THR A 104 12.21 -9.19 -13.95
C THR A 104 12.57 -7.74 -13.71
N ILE A 105 13.00 -7.41 -12.51
CA ILE A 105 13.29 -6.02 -12.21
C ILE A 105 14.52 -5.82 -11.36
N TYR A 106 15.29 -4.78 -11.65
CA TYR A 106 16.28 -4.31 -10.69
C TYR A 106 16.07 -2.84 -10.39
N LEU A 107 16.89 -2.31 -9.47
CA LEU A 107 16.79 -0.93 -9.00
C LEU A 107 18.12 -0.44 -8.44
N VAL A 108 18.31 0.88 -8.47
CA VAL A 108 19.45 1.48 -7.76
C VAL A 108 19.05 2.69 -6.91
N ASN A 109 19.40 2.67 -5.63
CA ASN A 109 19.26 3.88 -4.83
C ASN A 109 20.60 4.57 -4.90
N HIS A 110 20.65 5.60 -5.72
CA HIS A 110 21.80 6.46 -5.82
C HIS A 110 21.28 7.77 -5.29
N GLU A 111 21.67 8.05 -4.06
CA GLU A 111 21.15 9.19 -3.34
C GLU A 111 21.70 9.01 -1.96
N ASN A 112 21.73 10.10 -1.21
CA ASN A 112 22.48 10.17 0.03
C ASN A 112 21.65 9.99 1.31
N GLU A 113 20.35 9.78 1.15
CA GLU A 113 19.52 9.40 2.28
C GLU A 113 18.80 8.10 1.97
N ASP A 114 17.97 7.63 2.89
CA ASP A 114 17.42 6.29 2.74
C ASP A 114 16.39 6.24 1.62
N LEU A 115 15.87 5.05 1.36
CA LEU A 115 14.83 4.86 0.35
C LEU A 115 13.78 3.92 0.91
N GLN A 116 12.55 4.40 1.00
CA GLN A 116 11.44 3.55 1.44
C GLN A 116 10.50 3.31 0.27
N ILE A 117 10.10 2.06 0.11
CA ILE A 117 9.19 1.64 -0.96
C ILE A 117 8.16 0.64 -0.39
N VAL A 118 6.88 0.89 -0.63
CA VAL A 118 5.83 -0.01 -0.18
C VAL A 118 5.25 -0.79 -1.35
N LYS A 119 5.28 -2.11 -1.24
CA LYS A 119 4.80 -2.99 -2.28
C LYS A 119 3.48 -3.67 -1.89
N LEU A 120 2.59 -3.82 -2.86
CA LEU A 120 1.44 -4.65 -2.65
C LEU A 120 1.56 -5.88 -3.53
N ILE A 121 1.73 -7.03 -2.91
CA ILE A 121 1.99 -8.23 -3.65
C ILE A 121 0.86 -9.28 -3.60
N GLN A 122 0.32 -9.60 -4.79
CA GLN A 122 -0.67 -10.66 -4.97
C GLN A 122 -0.05 -11.92 -5.57
N PRO A 123 0.12 -12.98 -4.77
CA PRO A 123 0.62 -14.27 -5.25
C PRO A 123 -0.17 -14.78 -6.46
N ILE A 124 0.49 -15.14 -7.55
CA ILE A 124 -0.18 -15.65 -8.75
C ILE A 124 -0.25 -17.18 -8.73
N ASN A 125 0.55 -17.78 -7.87
CA ASN A 125 0.76 -19.22 -7.91
C ASN A 125 -0.02 -19.91 -6.83
N ASN A 126 0.51 -19.82 -5.62
CA ASN A 126 -0.18 -20.36 -4.48
C ASN A 126 -0.80 -19.21 -3.72
N PRO A 127 -2.13 -19.25 -3.55
CA PRO A 127 -2.90 -18.12 -3.00
C PRO A 127 -2.36 -17.66 -1.67
N GLY A 128 -2.12 -16.34 -1.58
CA GLY A 128 -1.56 -15.76 -0.38
C GLY A 128 -0.18 -16.28 -0.08
N GLU A 129 0.47 -16.86 -1.09
CA GLU A 129 1.88 -17.28 -0.98
C GLU A 129 2.72 -16.97 -2.23
N PHE A 130 3.73 -16.14 -2.05
CA PHE A 130 4.59 -15.73 -3.16
C PHE A 130 6.04 -16.02 -2.79
N LYS A 131 6.94 -15.75 -3.73
CA LYS A 131 8.37 -15.87 -3.45
C LYS A 131 9.24 -15.12 -4.42
N ASP A 132 10.55 -15.26 -4.19
CA ASP A 132 11.57 -14.38 -4.72
C ASP A 132 12.56 -15.15 -5.59
N TYR A 133 12.56 -14.88 -6.89
CA TYR A 133 13.43 -15.61 -7.80
C TYR A 133 14.63 -14.75 -8.16
N LEU A 134 15.80 -15.23 -7.77
CA LEU A 134 17.01 -14.41 -7.60
C LEU A 134 18.28 -14.91 -8.37
N SER A 135 19.09 -13.98 -8.93
CA SER A 135 20.37 -14.31 -9.62
C SER A 135 21.66 -14.57 -8.80
N ALA A 136 21.83 -14.02 -7.59
CA ALA A 136 23.07 -14.23 -6.82
C ALA A 136 22.98 -14.42 -5.28
N GLY A 137 23.57 -15.51 -4.78
CA GLY A 137 23.73 -15.74 -3.34
C GLY A 137 23.82 -17.22 -2.98
N GLY A 138 24.15 -17.54 -1.73
CA GLY A 138 24.01 -18.88 -1.19
C GLY A 138 24.89 -19.95 -1.84
N GLU A 139 24.90 -21.16 -1.29
CA GLU A 139 25.31 -22.33 -2.05
C GLU A 139 24.07 -22.74 -2.83
N ASP A 140 22.93 -22.42 -2.23
CA ASP A 140 21.62 -22.73 -2.78
C ASP A 140 20.90 -21.58 -3.47
N GLN A 141 21.44 -20.36 -3.44
CA GLN A 141 20.64 -19.18 -3.79
C GLN A 141 20.66 -18.56 -5.21
N SER A 142 21.28 -19.18 -6.20
CA SER A 142 21.15 -18.68 -7.58
C SER A 142 20.51 -19.62 -8.59
N TYR A 143 19.67 -19.03 -9.44
CA TYR A 143 18.94 -19.78 -10.44
C TYR A 143 19.76 -20.01 -11.69
N TYR A 144 21.02 -19.60 -11.61
CA TYR A 144 22.07 -20.13 -12.46
C TYR A 144 22.89 -21.11 -11.62
N THR A 145 23.44 -20.61 -10.50
CA THR A 145 24.29 -21.41 -9.60
C THR A 145 23.70 -22.80 -9.32
N VAL A 146 22.41 -22.86 -9.02
CA VAL A 146 21.80 -24.17 -8.90
C VAL A 146 21.20 -24.56 -10.24
N PHE A 147 21.87 -25.52 -10.85
CA PHE A 147 21.52 -26.13 -12.12
C PHE A 147 22.75 -26.99 -12.33
N SER A 148 22.65 -28.01 -13.17
CA SER A 148 23.83 -28.84 -13.36
C SER A 148 24.78 -28.10 -14.29
N ASN A 149 26.07 -28.30 -14.06
CA ASN A 149 27.02 -27.63 -14.91
C ASN A 149 26.88 -28.14 -16.32
N ASP A 150 26.46 -29.39 -16.49
CA ASP A 150 26.27 -29.90 -17.84
C ASP A 150 25.20 -29.13 -18.62
N VAL A 151 24.08 -28.81 -17.96
CA VAL A 151 22.99 -28.05 -18.58
C VAL A 151 23.26 -26.54 -18.66
N LEU A 152 24.07 -26.06 -17.74
CA LEU A 152 24.47 -24.67 -17.77
C LEU A 152 25.40 -24.51 -18.94
N GLU A 153 26.38 -25.39 -19.00
CA GLU A 153 27.44 -25.30 -19.97
C GLU A 153 26.84 -25.48 -21.35
N ALA A 154 25.99 -26.50 -21.50
CA ALA A 154 25.25 -26.67 -22.73
C ALA A 154 24.48 -25.40 -23.14
N ALA A 155 23.67 -24.88 -22.20
CA ALA A 155 22.75 -23.77 -22.48
C ALA A 155 23.38 -22.43 -22.83
N LEU A 156 24.43 -22.04 -22.08
CA LEU A 156 25.13 -20.76 -22.30
C LEU A 156 26.21 -20.83 -23.39
N ASP A 157 26.58 -22.05 -23.78
CA ASP A 157 27.63 -22.32 -24.77
C ASP A 157 29.00 -21.81 -24.34
N ILE A 158 29.39 -22.14 -23.11
CA ILE A 158 30.66 -21.72 -22.55
C ILE A 158 31.24 -22.81 -21.61
N PRO A 159 32.58 -22.84 -21.44
CA PRO A 159 33.22 -23.91 -20.66
C PRO A 159 32.80 -23.96 -19.19
N ARG A 160 32.52 -25.17 -18.67
CA ARG A 160 31.93 -25.28 -17.34
C ARG A 160 32.77 -24.77 -16.18
N ASP A 161 34.09 -24.86 -16.26
CA ASP A 161 34.93 -24.24 -15.23
C ASP A 161 34.86 -22.72 -15.32
N ARG A 162 34.68 -22.22 -16.54
CA ARG A 162 34.52 -20.79 -16.79
C ARG A 162 33.18 -20.28 -16.26
N LEU A 163 32.20 -21.18 -16.15
CA LEU A 163 30.91 -20.86 -15.53
C LEU A 163 31.10 -20.86 -14.03
N GLU A 164 31.95 -21.77 -13.57
CA GLU A 164 32.28 -21.86 -12.16
C GLU A 164 32.94 -20.56 -11.66
N ARG A 165 33.49 -19.72 -12.55
CA ARG A 165 34.04 -18.43 -12.10
C ARG A 165 33.19 -17.16 -12.32
N VAL A 166 32.03 -17.29 -12.95
CA VAL A 166 31.19 -16.09 -13.14
C VAL A 166 29.93 -16.10 -12.27
N PHE A 167 29.06 -17.07 -12.49
CA PHE A 167 27.81 -17.19 -11.73
C PHE A 167 28.00 -17.80 -10.37
N LYS A 168 29.24 -18.16 -10.08
CA LYS A 168 29.68 -18.26 -8.70
C LYS A 168 31.08 -17.65 -8.58
N GLN A 169 31.16 -16.56 -7.80
CA GLN A 169 32.40 -15.82 -7.52
C GLN A 169 32.12 -14.54 -6.72
N GLY A 175 22.37 -11.89 -0.27
CA GLY A 175 21.07 -11.93 -0.92
C GLY A 175 20.86 -10.87 -2.00
N LYS A 176 19.71 -10.20 -1.96
CA LYS A 176 19.29 -9.27 -3.03
C LYS A 176 19.81 -7.82 -3.03
N ILE A 177 19.96 -7.21 -1.84
CA ILE A 177 20.45 -5.84 -1.77
C ILE A 177 21.92 -5.82 -1.50
N ILE A 178 22.63 -5.07 -2.32
CA ILE A 178 24.06 -5.01 -2.25
C ILE A 178 24.51 -3.55 -2.36
N LYS A 179 25.82 -3.30 -2.28
CA LYS A 179 26.31 -1.95 -2.51
C LYS A 179 26.40 -1.69 -4.02
N GLY A 180 26.31 -0.43 -4.43
CA GLY A 180 26.23 -0.10 -5.84
C GLY A 180 27.37 0.75 -6.32
N ARG A 203 4.16 2.73 -20.38
CA ARG A 203 2.87 2.98 -19.74
C ARG A 203 2.72 2.13 -18.48
N ALA A 204 3.62 2.36 -17.53
CA ALA A 204 3.84 1.46 -16.38
C ALA A 204 3.83 2.18 -15.05
N LEU A 205 4.76 3.12 -14.91
CA LEU A 205 4.79 4.01 -13.76
C LEU A 205 3.76 5.12 -13.94
N ILE A 206 3.20 5.60 -12.84
CA ILE A 206 2.61 6.94 -12.85
C ILE A 206 2.88 7.64 -11.53
N LYS A 207 3.20 8.93 -11.61
CA LYS A 207 3.69 9.64 -10.45
C LYS A 207 2.48 10.09 -9.67
N LEU A 208 2.36 9.52 -8.48
CA LEU A 208 1.13 9.62 -7.73
C LEU A 208 0.98 10.99 -7.09
N GLU A 209 2.07 11.49 -6.52
CA GLU A 209 1.95 12.73 -5.77
C GLU A 209 1.87 13.88 -6.74
N ASN A 210 2.18 13.61 -7.99
CA ASN A 210 2.14 14.64 -9.00
C ASN A 210 0.79 14.68 -9.67
N GLN A 211 -0.17 13.93 -9.13
CA GLN A 211 -1.58 13.94 -9.60
C GLN A 211 -2.45 14.95 -8.85
N THR A 212 -3.75 15.00 -9.19
CA THR A 212 -4.68 15.96 -8.58
C THR A 212 -5.56 15.37 -7.47
N PRO A 213 -5.44 15.94 -6.26
CA PRO A 213 -6.10 15.46 -5.05
C PRO A 213 -7.59 15.40 -5.27
N VAL A 214 -8.21 14.30 -4.86
CA VAL A 214 -9.66 14.18 -4.96
C VAL A 214 -10.32 14.94 -3.82
N TYR A 215 -9.61 15.02 -2.70
CA TYR A 215 -10.04 15.77 -1.52
C TYR A 215 -8.85 16.60 -1.02
N SER A 216 -9.04 17.92 -0.87
CA SER A 216 -7.97 18.83 -0.43
C SER A 216 -8.27 19.83 0.71
N ASN A 217 -9.22 20.75 0.54
CA ASN A 217 -9.50 21.80 1.55
C ASN A 217 -8.27 22.52 2.19
N GLN A 218 -8.14 22.43 3.51
CA GLN A 218 -6.99 22.95 4.28
C GLN A 218 -6.44 21.86 5.19
N TYR A 219 -7.33 21.23 5.94
CA TYR A 219 -7.01 20.17 6.91
C TYR A 219 -6.38 18.87 6.39
N GLY A 220 -6.26 18.70 5.06
CA GLY A 220 -5.47 17.59 4.53
C GLY A 220 -5.63 17.30 3.04
N GLN A 221 -4.73 16.56 2.42
CA GLN A 221 -4.90 16.30 0.99
C GLN A 221 -4.74 14.83 0.57
N MET A 222 -5.65 14.33 -0.27
CA MET A 222 -5.63 12.91 -0.67
C MET A 222 -5.54 12.65 -2.17
N PHE A 223 -4.42 12.03 -2.58
CA PHE A 223 -4.17 11.68 -3.98
C PHE A 223 -4.56 10.23 -4.22
N GLU A 224 -5.25 9.96 -5.33
CA GLU A 224 -5.66 8.58 -5.62
C GLU A 224 -5.62 8.19 -7.09
N ALA A 225 -5.03 7.02 -7.36
CA ALA A 225 -5.04 6.42 -8.68
C ALA A 225 -5.86 5.13 -8.66
N CYS A 226 -6.90 5.06 -9.48
CA CYS A 226 -7.78 3.88 -9.49
C CYS A 226 -7.84 3.12 -10.84
N PRO A 227 -8.15 1.82 -10.78
CA PRO A 227 -8.30 0.98 -11.97
C PRO A 227 -9.23 1.57 -13.03
N ASP A 228 -10.29 2.25 -12.60
CA ASP A 228 -11.26 2.72 -13.56
C ASP A 228 -10.68 3.76 -14.50
N GLU A 229 -9.69 4.51 -14.00
CA GLU A 229 -8.91 5.45 -14.80
C GLU A 229 -7.57 4.93 -15.32
N PHE A 230 -7.14 3.78 -14.82
CA PHE A 230 -5.78 3.28 -15.09
C PHE A 230 -5.64 1.80 -15.44
N PRO A 231 -5.66 1.49 -16.75
CA PRO A 231 -5.74 0.10 -17.20
C PRO A 231 -4.76 -0.80 -16.46
N GLN A 232 -3.53 -0.35 -16.28
CA GLN A 232 -2.48 -1.13 -15.63
C GLN A 232 -2.89 -1.65 -14.25
N LEU A 233 -3.86 -0.99 -13.63
CA LEU A 233 -4.36 -1.41 -12.34
C LEU A 233 -5.39 -2.52 -12.45
N GLN A 234 -6.13 -2.50 -13.56
CA GLN A 234 -7.21 -3.46 -13.79
C GLN A 234 -6.75 -4.92 -13.61
N ARG A 235 -5.48 -5.17 -13.94
CA ARG A 235 -4.84 -6.45 -13.67
C ARG A 235 -4.88 -6.73 -12.18
N THR A 236 -4.09 -5.95 -11.46
CA THR A 236 -3.80 -6.18 -10.06
C THR A 236 -5.02 -6.02 -9.20
N ASN A 237 -6.10 -5.48 -9.80
CA ASN A 237 -7.42 -5.33 -9.18
C ASN A 237 -7.51 -4.15 -8.22
N VAL A 238 -6.37 -3.62 -7.82
CA VAL A 238 -6.30 -2.71 -6.69
C VAL A 238 -6.17 -1.24 -7.08
N ALA A 239 -6.20 -0.38 -6.08
CA ALA A 239 -6.03 1.07 -6.26
C ALA A 239 -4.95 1.62 -5.32
N ALA A 240 -4.37 2.77 -5.64
CA ALA A 240 -3.24 3.29 -4.89
C ALA A 240 -3.50 4.70 -4.38
N ALA A 241 -3.10 4.97 -3.15
CA ALA A 241 -3.41 6.28 -2.57
C ALA A 241 -2.41 6.82 -1.54
N ILE A 242 -2.44 8.15 -1.38
CA ILE A 242 -1.62 8.82 -0.39
C ILE A 242 -2.42 9.94 0.26
N VAL A 243 -2.53 9.88 1.59
CA VAL A 243 -3.38 10.78 2.36
C VAL A 243 -2.55 11.61 3.34
N ASP A 244 -2.82 12.91 3.40
CA ASP A 244 -2.21 13.73 4.44
C ASP A 244 -3.27 14.38 5.29
N ILE A 245 -3.14 14.25 6.60
CA ILE A 245 -4.03 14.97 7.48
C ILE A 245 -3.19 15.89 8.35
N LYS A 246 -3.56 17.17 8.37
CA LYS A 246 -2.73 18.20 8.99
C LYS A 246 -2.72 18.03 10.50
N GLN A 247 -2.02 18.92 11.18
CA GLN A 247 -1.95 18.87 12.63
C GLN A 247 -3.35 18.99 13.16
N GLY A 248 -3.73 18.11 14.08
CA GLY A 248 -5.07 18.16 14.64
C GLY A 248 -6.20 18.10 13.63
N GLY A 249 -5.89 17.63 12.43
CA GLY A 249 -6.88 17.47 11.39
C GLY A 249 -7.68 16.21 11.63
N MET A 250 -8.65 15.98 10.76
CA MET A 250 -9.52 14.81 10.82
C MET A 250 -10.07 14.43 9.45
N MET A 251 -10.12 13.15 9.15
CA MET A 251 -10.88 12.72 7.98
C MET A 251 -12.14 12.15 8.54
N VAL A 252 -13.25 12.76 8.17
CA VAL A 252 -14.52 12.55 8.84
C VAL A 252 -14.98 11.11 8.69
N PRO A 253 -15.91 10.69 9.56
CA PRO A 253 -16.49 9.36 9.39
C PRO A 253 -17.00 9.15 7.96
N HIS A 254 -16.66 8.00 7.39
CA HIS A 254 -17.07 7.62 6.05
C HIS A 254 -16.68 6.17 5.83
N PHE A 255 -16.93 5.66 4.63
CA PHE A 255 -16.52 4.28 4.28
C PHE A 255 -16.33 4.03 2.80
N ASN A 256 -15.67 2.92 2.49
CA ASN A 256 -15.49 2.52 1.10
C ASN A 256 -16.52 1.48 0.62
N SER A 257 -17.12 1.78 -0.53
CA SER A 257 -18.14 0.96 -1.13
C SER A 257 -17.77 -0.51 -1.18
N ARG A 258 -16.71 -0.77 -1.94
CA ARG A 258 -16.18 -2.11 -2.26
C ARG A 258 -14.77 -2.34 -1.72
N ALA A 259 -13.88 -1.40 -2.03
CA ALA A 259 -12.47 -1.50 -1.65
C ALA A 259 -12.20 -1.83 -0.18
N THR A 260 -11.23 -2.72 0.03
CA THR A 260 -10.71 -2.98 1.36
C THR A 260 -9.33 -2.38 1.36
N TRP A 261 -9.13 -1.30 2.12
CA TRP A 261 -7.87 -0.57 2.11
C TRP A 261 -6.88 -1.06 3.13
N ALA A 262 -5.62 -1.20 2.72
CA ALA A 262 -4.57 -1.43 3.69
C ALA A 262 -3.70 -0.19 3.61
N VAL A 263 -3.55 0.48 4.74
CA VAL A 263 -2.86 1.74 4.75
C VAL A 263 -1.78 1.77 5.80
N PHE A 264 -0.65 2.30 5.39
CA PHE A 264 0.57 2.25 6.15
C PHE A 264 0.87 3.65 6.64
N VAL A 265 1.59 3.76 7.75
CA VAL A 265 1.84 5.07 8.28
C VAL A 265 3.23 5.55 7.91
N ALA A 266 3.24 6.40 6.89
CA ALA A 266 4.45 6.92 6.29
C ALA A 266 5.26 7.68 7.32
N GLU A 267 4.69 8.80 7.76
CA GLU A 267 5.34 9.70 8.70
C GLU A 267 4.30 10.30 9.64
N GLY A 268 4.71 10.50 10.89
CA GLY A 268 3.89 11.21 11.85
C GLY A 268 3.22 10.25 12.80
N ALA A 269 2.28 10.76 13.59
CA ALA A 269 1.40 9.92 14.40
C ALA A 269 -0.02 10.47 14.43
N GLY A 270 -0.91 9.76 15.12
CA GLY A 270 -2.35 9.97 15.00
C GLY A 270 -3.16 8.87 15.67
N SER A 271 -4.37 8.64 15.15
CA SER A 271 -5.34 7.83 15.84
C SER A 271 -6.54 7.65 14.95
N PHE A 272 -7.38 6.67 15.28
CA PHE A 272 -8.53 6.34 14.46
C PHE A 272 -9.66 5.67 15.25
N GLU A 273 -10.89 5.87 14.75
CA GLU A 273 -12.05 5.10 15.20
C GLU A 273 -12.76 4.48 14.02
N MET A 274 -13.10 3.21 14.14
CA MET A 274 -13.80 2.49 13.09
C MET A 274 -14.84 1.58 13.70
N ALA A 275 -16.06 1.61 13.18
CA ALA A 275 -17.11 0.81 13.76
C ALA A 275 -17.11 -0.60 13.18
N CYS A 276 -16.92 -1.62 14.04
CA CYS A 276 -16.92 -3.02 13.58
C CYS A 276 -18.07 -3.85 14.13
N PRO A 277 -18.88 -4.41 13.23
CA PRO A 277 -19.97 -5.37 13.47
C PRO A 277 -19.50 -6.77 13.87
N HIS A 278 -18.32 -7.19 13.41
CA HIS A 278 -17.82 -8.53 13.71
C HIS A 278 -17.26 -8.57 15.13
N LEU A 279 -16.83 -7.41 15.61
CA LEU A 279 -16.14 -7.34 16.88
C LEU A 279 -16.90 -6.49 17.90
N SER A 286 -26.41 -10.53 16.21
CA SER A 286 -25.06 -10.01 16.37
C SER A 286 -24.68 -9.00 15.26
N SER A 287 -25.57 -8.04 15.01
CA SER A 287 -25.29 -6.85 14.20
C SER A 287 -24.91 -5.64 15.05
N ARG A 288 -24.76 -5.86 16.35
CA ARG A 288 -24.33 -4.82 17.26
C ARG A 288 -22.91 -4.37 16.91
N PHE A 289 -22.75 -3.07 16.69
CA PHE A 289 -21.43 -2.52 16.40
C PHE A 289 -20.69 -2.31 17.71
N GLU A 290 -19.42 -2.72 17.76
CA GLU A 290 -18.53 -2.26 18.83
C GLU A 290 -17.53 -1.30 18.20
N ARG A 291 -17.11 -0.33 18.99
CA ARG A 291 -16.18 0.65 18.48
C ARG A 291 -14.78 0.04 18.50
N VAL A 292 -14.07 0.22 17.40
CA VAL A 292 -12.66 -0.13 17.35
C VAL A 292 -11.85 1.16 17.42
N ALA A 293 -10.96 1.25 18.40
CA ALA A 293 -10.20 2.47 18.61
C ALA A 293 -8.71 2.24 18.66
N GLY A 294 -7.93 3.22 18.24
CA GLY A 294 -6.49 3.09 18.41
C GLY A 294 -5.63 4.22 17.92
N HIS A 295 -4.33 4.10 18.12
CA HIS A 295 -3.39 5.16 17.78
C HIS A 295 -2.53 4.69 16.62
N LEU A 296 -2.26 5.55 15.66
CA LEU A 296 -1.40 5.12 14.58
C LEU A 296 0.02 5.60 14.84
N SER A 297 0.87 4.68 15.24
CA SER A 297 2.29 4.97 15.40
C SER A 297 3.07 4.62 14.13
N PRO A 298 4.16 5.35 13.84
CA PRO A 298 4.89 5.20 12.58
C PRO A 298 5.24 3.75 12.27
N GLY A 299 5.06 3.38 11.01
CA GLY A 299 5.38 2.03 10.57
C GLY A 299 4.29 1.02 10.86
N GLY A 300 3.06 1.49 10.99
CA GLY A 300 1.96 0.57 11.21
C GLY A 300 1.08 0.35 10.00
N LEU A 301 0.24 -0.66 10.05
CA LEU A 301 -0.65 -0.89 8.94
C LEU A 301 -2.05 -1.11 9.45
N LEU A 302 -2.99 -0.38 8.87
CA LEU A 302 -4.37 -0.49 9.26
C LEU A 302 -5.16 -1.05 8.11
N VAL A 303 -6.07 -1.96 8.41
CA VAL A 303 -6.95 -2.50 7.39
C VAL A 303 -8.37 -1.98 7.59
N VAL A 304 -8.94 -1.48 6.51
CA VAL A 304 -10.26 -0.88 6.51
C VAL A 304 -11.08 -1.53 5.41
N PRO A 305 -11.82 -2.58 5.77
CA PRO A 305 -12.66 -3.37 4.89
C PRO A 305 -13.68 -2.50 4.18
N ALA A 306 -14.29 -3.03 3.14
CA ALA A 306 -15.38 -2.35 2.45
C ALA A 306 -16.48 -1.96 3.43
N GLY A 307 -17.13 -0.86 3.14
CA GLY A 307 -18.28 -0.46 3.93
C GLY A 307 -18.00 -0.18 5.40
N HIS A 308 -16.73 -0.22 5.80
CA HIS A 308 -16.40 0.06 7.19
C HIS A 308 -16.29 1.54 7.47
N PRO A 309 -17.15 2.06 8.36
CA PRO A 309 -17.15 3.50 8.64
C PRO A 309 -15.93 3.85 9.43
N ILE A 310 -15.23 4.89 9.02
CA ILE A 310 -14.01 5.22 9.71
C ILE A 310 -13.83 6.72 9.84
N ALA A 311 -13.27 7.15 10.97
CA ALA A 311 -12.90 8.54 11.12
C ALA A 311 -11.47 8.55 11.61
N VAL A 312 -10.70 9.53 11.14
CA VAL A 312 -9.27 9.54 11.39
C VAL A 312 -8.70 10.87 11.86
N MET A 313 -8.00 10.86 13.00
CA MET A 313 -7.43 12.08 13.56
C MET A 313 -5.90 12.09 13.49
N ALA A 314 -5.38 13.22 13.06
CA ALA A 314 -3.98 13.37 12.75
C ALA A 314 -3.14 13.87 13.92
N SER A 315 -3.73 13.91 15.11
CA SER A 315 -2.94 14.06 16.34
C SER A 315 -2.52 15.51 16.69
N PRO A 316 -2.24 15.77 17.99
CA PRO A 316 -1.99 17.13 18.47
C PRO A 316 -0.69 17.75 17.98
N LYS A 317 0.37 16.94 17.91
CA LYS A 317 1.73 17.45 17.71
C LYS A 317 2.11 17.63 16.24
N GLU A 318 2.10 16.55 15.48
CA GLU A 318 2.60 16.57 14.10
C GLU A 318 1.47 16.35 13.10
N ASN A 319 1.83 16.24 11.84
CA ASN A 319 0.87 15.82 10.82
C ASN A 319 0.90 14.30 10.61
N LEU A 320 0.01 13.80 9.76
CA LEU A 320 -0.02 12.38 9.52
C LEU A 320 -0.14 12.04 8.04
N ARG A 321 0.80 11.26 7.53
CA ARG A 321 0.65 10.75 6.18
C ARG A 321 0.42 9.26 6.18
N LEU A 322 -0.66 8.86 5.52
CA LEU A 322 -0.95 7.47 5.28
C LEU A 322 -0.66 7.18 3.81
N VAL A 323 -0.21 5.97 3.52
CA VAL A 323 0.24 5.62 2.19
C VAL A 323 -0.18 4.20 1.97
N GLY A 324 -0.84 3.90 0.86
CA GLY A 324 -1.35 2.54 0.77
C GLY A 324 -2.32 2.18 -0.32
N PHE A 325 -2.64 0.89 -0.36
CA PHE A 325 -3.31 0.31 -1.50
C PHE A 325 -4.65 -0.26 -1.07
N GLY A 326 -5.69 0.04 -1.84
CA GLY A 326 -6.96 -0.62 -1.66
C GLY A 326 -7.15 -1.88 -2.47
N ILE A 327 -7.72 -2.90 -1.84
CA ILE A 327 -8.00 -4.17 -2.49
C ILE A 327 -9.38 -4.07 -3.08
N ASN A 328 -9.57 -4.68 -4.25
CA ASN A 328 -10.87 -4.86 -4.85
C ASN A 328 -11.56 -3.56 -5.26
N ALA A 329 -10.78 -2.52 -5.57
CA ALA A 329 -11.41 -1.23 -5.86
C ALA A 329 -11.65 -1.06 -7.34
N GLN A 330 -12.90 -1.19 -7.77
CA GLN A 330 -13.33 -0.81 -9.11
C GLN A 330 -14.71 -0.22 -9.00
N ASN A 331 -14.86 0.99 -9.53
CA ASN A 331 -16.07 1.77 -9.34
C ASN A 331 -16.34 1.94 -7.83
N ASN A 332 -15.30 1.78 -7.01
CA ASN A 332 -15.44 1.87 -5.56
C ASN A 332 -15.78 3.27 -5.19
N LEU A 333 -16.86 3.42 -4.44
CA LEU A 333 -17.28 4.72 -3.99
C LEU A 333 -16.87 4.89 -2.54
N ARG A 334 -16.55 6.12 -2.20
CA ARG A 334 -16.31 6.52 -0.82
C ARG A 334 -17.51 7.35 -0.44
N ASN A 335 -18.19 6.98 0.64
CA ASN A 335 -19.36 7.74 1.09
C ASN A 335 -19.18 8.37 2.46
N PHE A 336 -19.46 9.67 2.53
CA PHE A 336 -19.23 10.43 3.76
C PHE A 336 -20.47 10.65 4.65
N LEU A 337 -20.26 10.49 5.95
CA LEU A 337 -21.31 10.63 6.93
C LEU A 337 -21.48 12.03 7.50
N ALA A 338 -20.51 12.90 7.23
CA ALA A 338 -20.52 14.28 7.72
C ALA A 338 -19.93 15.17 6.64
N GLY A 339 -19.73 16.44 6.96
CA GLY A 339 -19.12 17.31 5.98
C GLY A 339 -20.17 17.78 5.00
N LYS A 340 -19.93 18.94 4.39
CA LYS A 340 -20.92 19.61 3.55
C LYS A 340 -21.47 18.69 2.49
N GLU A 341 -20.59 18.11 1.68
CA GLU A 341 -21.03 17.16 0.70
C GLU A 341 -20.86 15.75 1.29
N ASN A 342 -21.99 15.07 1.46
CA ASN A 342 -22.05 13.76 2.08
C ASN A 342 -23.38 13.12 1.69
N ILE A 343 -23.64 11.91 2.17
CA ILE A 343 -24.79 11.15 1.67
C ILE A 343 -26.15 11.61 2.22
N MET A 344 -26.16 12.06 3.47
CA MET A 344 -27.40 12.50 4.09
C MET A 344 -28.05 13.58 3.30
N ASN A 345 -27.28 14.58 2.91
CA ASN A 345 -27.81 15.76 2.22
C ASN A 345 -28.69 15.44 1.02
N GLU A 346 -28.38 14.32 0.37
CA GLU A 346 -29.07 13.89 -0.83
C GLU A 346 -30.26 13.00 -0.56
N VAL A 347 -30.64 12.84 0.71
CA VAL A 347 -31.85 12.10 1.02
C VAL A 347 -33.06 13.00 1.33
N ASP A 348 -34.24 12.53 0.99
CA ASP A 348 -35.47 13.28 1.27
C ASP A 348 -35.67 13.49 2.77
N GLN A 349 -36.38 14.56 3.09
CA GLN A 349 -36.53 15.01 4.47
C GLN A 349 -37.29 14.01 5.31
N GLU A 350 -38.17 13.27 4.67
CA GLU A 350 -39.12 12.39 5.35
C GLU A 350 -38.32 11.24 5.92
N ALA A 351 -37.34 10.81 5.14
CA ALA A 351 -36.42 9.78 5.54
C ALA A 351 -35.73 10.24 6.79
N LYS A 352 -35.18 11.43 6.74
CA LYS A 352 -34.45 11.96 7.87
C LYS A 352 -35.35 12.10 9.11
N GLU A 353 -36.61 12.46 8.89
CA GLU A 353 -37.58 12.70 9.95
C GLU A 353 -37.95 11.43 10.68
N LEU A 354 -38.12 10.38 9.90
CA LEU A 354 -38.50 9.08 10.45
C LEU A 354 -37.30 8.39 11.09
N THR A 355 -36.13 8.66 10.50
CA THR A 355 -34.90 7.97 10.85
C THR A 355 -34.37 8.43 12.18
N PHE A 356 -34.02 9.72 12.22
CA PHE A 356 -33.45 10.41 13.40
C PHE A 356 -34.50 11.27 14.12
N ASN A 357 -34.08 12.07 15.10
CA ASN A 357 -34.99 13.07 15.64
C ASN A 357 -34.59 14.40 15.03
N ILE A 358 -35.27 14.75 13.95
CA ILE A 358 -35.05 16.02 13.26
C ILE A 358 -36.20 16.35 12.31
N LYS A 359 -36.31 17.60 11.87
CA LYS A 359 -37.50 18.02 11.14
C LYS A 359 -37.31 18.10 9.62
N GLY A 360 -38.35 18.52 8.92
CA GLY A 360 -38.35 18.54 7.46
C GLY A 360 -37.23 19.32 6.80
N LYS A 361 -36.79 20.34 7.51
CA LYS A 361 -35.74 21.23 7.06
C LYS A 361 -34.63 21.20 8.07
N GLU A 362 -35.04 21.25 9.34
CA GLU A 362 -34.15 21.23 10.49
C GLU A 362 -33.15 20.08 10.44
N ALA A 363 -33.33 19.13 9.51
CA ALA A 363 -32.29 18.15 9.15
C ALA A 363 -31.01 18.82 8.58
N ASP A 364 -31.22 19.85 7.77
CA ASP A 364 -30.15 20.57 7.11
C ASP A 364 -29.32 21.38 8.09
N GLU A 365 -29.91 21.67 9.26
CA GLU A 365 -29.19 22.35 10.32
C GLU A 365 -28.09 21.42 10.79
N ILE A 366 -28.41 20.13 10.83
CA ILE A 366 -27.49 19.15 11.35
C ILE A 366 -26.41 18.68 10.37
N PHE A 367 -26.77 18.44 9.12
CA PHE A 367 -25.78 17.89 8.21
C PHE A 367 -25.10 18.86 7.28
N LYS A 368 -25.53 20.12 7.23
CA LYS A 368 -24.79 21.11 6.46
C LYS A 368 -23.90 21.98 7.34
N SER A 369 -23.93 21.68 8.64
CA SER A 369 -23.24 22.48 9.65
C SER A 369 -21.72 22.34 9.65
N GLN A 370 -21.21 21.24 9.08
CA GLN A 370 -19.76 21.18 8.88
C GLN A 370 -19.45 22.00 7.63
N ARG A 371 -18.71 23.09 7.80
CA ARG A 371 -18.56 24.09 6.73
C ARG A 371 -17.55 23.60 5.72
N GLU A 372 -16.77 22.59 6.12
CA GLU A 372 -15.80 21.98 5.24
C GLU A 372 -16.32 20.64 4.74
N SER A 373 -15.57 20.01 3.85
CA SER A 373 -15.88 18.69 3.36
C SER A 373 -14.68 17.79 3.58
N PHE A 374 -14.90 16.47 3.61
CA PHE A 374 -13.79 15.52 3.79
C PHE A 374 -13.02 15.79 5.08
N PHE A 375 -11.81 16.30 4.97
CA PHE A 375 -11.02 16.67 6.15
C PHE A 375 -11.46 17.97 6.81
N THR A 376 -11.48 17.98 8.14
CA THR A 376 -11.77 19.19 8.92
C THR A 376 -10.97 19.18 10.22
N LYS A 377 -11.16 20.17 11.09
CA LYS A 377 -10.42 20.20 12.36
C LYS A 377 -10.98 19.21 13.36
N GLY A 378 -10.12 18.39 13.96
CA GLY A 378 -10.59 17.28 14.77
C GLY A 378 -10.76 17.54 16.26
N PRO A 379 -10.86 16.46 17.05
CA PRO A 379 -11.04 16.49 18.51
C PRO A 379 -9.81 16.98 19.27
N VAL A 380 -9.90 16.98 20.60
CA VAL A 380 -8.76 17.24 21.50
C VAL A 380 -8.86 16.31 22.74
N GLY A 381 -7.73 15.96 23.36
CA GLY A 381 -7.73 15.15 24.55
C GLY A 381 -7.43 13.68 24.31
CU CU B . -15.74 -5.18 10.92
C ACT C . -9.88 4.62 3.92
O ACT C . -8.93 4.81 3.13
OXT ACT C . -11.03 4.73 3.45
CH3 ACT C . -9.66 4.26 5.36
#